data_6A5Y
#
_entry.id   6A5Y
#
_cell.length_a   83.380
_cell.length_b   83.380
_cell.length_c   161.630
_cell.angle_alpha   90.000
_cell.angle_beta   90.000
_cell.angle_gamma   90.000
#
_symmetry.space_group_name_H-M   'P 41 21 2'
#
loop_
_entity.id
_entity.type
_entity.pdbx_description
1 polymer 'Bile acid receptor'
2 polymer 'Nuclear receptor coactivator 1'
3 polymer 'Retinoic acid receptor RXR-alpha'
4 non-polymer '2-[2-[[3-[2,6-bis(chloranyl)phenyl]-5-cyclopropyl-1,2-oxazol-4-yl]methoxy]-6-azaspiro[3.4]octan-6-yl]-1,3-benzothiazole-6-carboxylic acid'
5 non-polymer 'SULFATE ION'
6 non-polymer '(9cis)-retinoic acid'
7 non-polymer 'PHOSPHATE ION'
8 water water
#
loop_
_entity_poly.entity_id
_entity_poly.type
_entity_poly.pdbx_seq_one_letter_code
_entity_poly.pdbx_strand_id
1 'polypeptide(L)'
;ELTPDQQTLLHFIMDSYNKQRMPQEITNKILKEEFSAEENFLILTEMATNHVQVLVEFTKKLPGFQTLDHEDQIALLKGS
AVEAMFLRSAEIFNKKLPSGHSDLLEERIRNSGISDEYITPMFSFYKSIGELKMTQEEYALLTAIVILSPDRQYIKDREA
VEKLQEPLLDVLQKLCKIHQPENPQHFAELLGRLTELRTFNHHHAEMLMSWRVNDHKFTPLLEEIWDV
;
A
2 'polypeptide(L)' ERHKILHRLLQEGSPS B,F
3 'polypeptide(L)'
;SANEDMPVERILEAELAVEPKTETYVEANMGLNPSSPNDPVTNICQAADKQLFTLVEWAKRIPHFSELPLDDQVILLRAG
WNELLIASFSHRSIAVKDGILLATGLHVHRNSAHSAGVGAIFDRVLTELVSKMRDMQMDKTELGCLRAIVLFNPDSKGLS
NPAEVEALREKVYASLEAYCKHKYPEQPGRFAKLLLRLPALRSIGLKCLEHLFFFKLIGDTPIDTFLMEMLEAPHQMT
;
D
#
# COMPACT_ATOMS: atom_id res chain seq x y z
N GLU A 1 -16.87 21.85 10.71
CA GLU A 1 -16.41 21.32 12.03
C GLU A 1 -14.91 21.29 12.25
N LEU A 2 -14.06 21.77 11.34
CA LEU A 2 -12.64 21.82 11.66
C LEU A 2 -12.45 22.65 12.92
N THR A 3 -11.54 22.29 13.82
CA THR A 3 -11.19 23.17 14.93
C THR A 3 -10.18 24.22 14.42
N PRO A 4 -9.97 25.32 15.19
CA PRO A 4 -8.95 26.34 14.80
C PRO A 4 -7.53 25.79 14.67
N ASP A 5 -7.17 24.86 15.56
CA ASP A 5 -5.92 24.11 15.46
C ASP A 5 -5.78 23.40 14.08
N GLN A 6 -6.80 22.64 13.75
CA GLN A 6 -6.88 21.89 12.51
C GLN A 6 -6.82 22.88 11.36
N GLN A 7 -7.50 24.03 11.50
CA GLN A 7 -7.50 25.05 10.43
C GLN A 7 -6.09 25.61 10.23
N THR A 8 -5.37 25.83 11.33
CA THR A 8 -3.99 26.30 11.20
C THR A 8 -3.14 25.23 10.48
N LEU A 9 -3.33 23.98 10.86
CA LEU A 9 -2.53 22.92 10.26
C LEU A 9 -2.82 22.85 8.78
N LEU A 10 -4.09 22.90 8.43
CA LEU A 10 -4.52 22.83 7.04
C LEU A 10 -3.96 23.96 6.18
N HIS A 11 -4.02 25.17 6.72
CA HIS A 11 -3.50 26.35 6.05
C HIS A 11 -2.03 26.21 5.76
N PHE A 12 -1.23 25.80 6.76
CA PHE A 12 0.21 25.50 6.49
C PHE A 12 0.46 24.48 5.37
N ILE A 13 -0.36 23.42 5.35
CA ILE A 13 -0.24 22.41 4.33
C ILE A 13 -0.57 22.95 2.97
N MET A 14 -1.70 23.65 2.83
CA MET A 14 -2.17 24.12 1.49
C MET A 14 -1.23 25.18 0.92
N ASP A 15 -0.76 26.08 1.76
CA ASP A 15 0.26 27.08 1.33
C ASP A 15 1.44 26.40 0.74
N SER A 16 1.94 25.34 1.42
CA SER A 16 3.07 24.59 0.85
C SER A 16 2.65 23.82 -0.37
N TYR A 17 1.49 23.17 -0.36
CA TYR A 17 1.07 22.39 -1.55
C TYR A 17 0.94 23.21 -2.83
N ASN A 18 0.34 24.40 -2.67
CA ASN A 18 0.02 25.24 -3.85
C ASN A 18 1.22 25.83 -4.55
N LYS A 19 2.38 25.91 -3.89
CA LYS A 19 3.64 26.26 -4.57
C LYS A 19 4.06 25.22 -5.64
N GLN A 20 3.60 23.97 -5.52
CA GLN A 20 3.93 22.85 -6.47
C GLN A 20 3.66 23.26 -7.95
N ARG A 21 4.74 23.47 -8.69
CA ARG A 21 4.68 23.90 -10.09
C ARG A 21 5.63 23.02 -10.95
N MET A 22 5.21 22.70 -12.18
CA MET A 22 6.11 22.15 -13.21
C MET A 22 6.37 23.31 -14.19
N PRO A 23 7.64 23.72 -14.42
CA PRO A 23 7.94 24.79 -15.40
C PRO A 23 7.41 24.55 -16.84
N GLN A 24 6.95 25.62 -17.47
CA GLN A 24 6.54 25.58 -18.87
C GLN A 24 7.64 25.11 -19.80
N GLU A 25 8.90 25.40 -19.50
CA GLU A 25 9.97 24.90 -20.36
C GLU A 25 9.96 23.33 -20.52
N ILE A 26 9.51 22.67 -19.45
CA ILE A 26 9.36 21.22 -19.44
C ILE A 26 8.04 20.85 -20.14
N THR A 27 6.93 21.43 -19.69
CA THR A 27 5.60 20.96 -20.17
C THR A 27 5.37 21.27 -21.67
N ASN A 28 6.04 22.33 -22.20
CA ASN A 28 6.00 22.68 -23.66
C ASN A 28 6.47 21.56 -24.52
N LYS A 29 7.36 20.73 -23.98
CA LYS A 29 7.94 19.64 -24.71
C LYS A 29 6.96 18.52 -25.03
N ILE A 30 5.92 18.42 -24.21
CA ILE A 30 4.85 17.39 -24.36
C ILE A 30 4.35 17.39 -25.83
N LEU A 31 3.99 18.58 -26.31
CA LEU A 31 3.57 18.86 -27.70
C LEU A 31 4.73 19.12 -28.71
N LYS A 32 5.80 19.82 -28.31
CA LYS A 32 6.85 20.29 -29.26
C LYS A 32 7.85 19.27 -29.71
N GLU A 33 8.25 18.33 -28.88
CA GLU A 33 9.39 17.53 -29.21
C GLU A 33 8.98 16.32 -29.95
N GLU A 34 9.93 15.71 -30.59
CA GLU A 34 9.65 14.47 -31.27
C GLU A 34 9.25 13.31 -30.36
N PHE A 35 8.69 12.29 -30.98
CA PHE A 35 8.11 11.17 -30.27
C PHE A 35 8.91 9.92 -30.56
N SER A 36 9.75 9.57 -29.61
CA SER A 36 10.55 8.35 -29.63
C SER A 36 10.64 7.90 -28.17
N ALA A 37 10.99 6.63 -27.95
CA ALA A 37 11.15 6.13 -26.59
C ALA A 37 12.26 6.91 -25.90
N GLU A 38 13.32 7.23 -26.66
CA GLU A 38 14.41 8.06 -26.17
C GLU A 38 13.95 9.45 -25.67
N GLU A 39 13.25 10.20 -26.50
CA GLU A 39 12.90 11.57 -26.14
C GLU A 39 11.84 11.59 -25.05
N ASN A 40 10.94 10.60 -25.10
CA ASN A 40 9.92 10.43 -24.07
C ASN A 40 10.54 10.18 -22.68
N PHE A 41 11.52 9.30 -22.64
CA PHE A 41 12.35 9.09 -21.47
C PHE A 41 13.00 10.40 -20.95
N LEU A 42 13.53 11.23 -21.85
CA LEU A 42 14.22 12.46 -21.44
C LEU A 42 13.26 13.42 -20.88
N ILE A 43 12.05 13.46 -21.42
CA ILE A 43 11.01 14.35 -20.95
C ILE A 43 10.61 13.97 -19.55
N LEU A 44 10.34 12.67 -19.36
CA LEU A 44 9.96 12.15 -18.06
C LEU A 44 11.03 12.35 -16.98
N THR A 45 12.27 12.09 -17.31
CA THR A 45 13.44 12.41 -16.46
C THR A 45 13.48 13.87 -16.02
N GLU A 46 13.22 14.78 -16.96
CA GLU A 46 13.15 16.20 -16.65
C GLU A 46 12.01 16.53 -15.73
N MET A 47 10.85 15.94 -15.97
CA MET A 47 9.73 16.08 -15.06
C MET A 47 9.97 15.50 -13.62
N ALA A 48 10.49 14.30 -13.55
CA ALA A 48 10.85 13.62 -12.29
C ALA A 48 11.90 14.45 -11.49
N THR A 49 12.94 14.91 -12.13
CA THR A 49 13.96 15.70 -11.45
C THR A 49 13.32 16.93 -10.86
N ASN A 50 12.48 17.61 -11.63
CA ASN A 50 11.81 18.81 -11.16
C ASN A 50 10.91 18.46 -10.02
N HIS A 51 10.13 17.39 -10.20
CA HIS A 51 9.16 17.08 -9.19
C HIS A 51 9.82 16.63 -7.85
N VAL A 52 10.96 15.95 -7.92
CA VAL A 52 11.70 15.58 -6.68
C VAL A 52 12.13 16.85 -5.89
N GLN A 53 12.56 17.90 -6.63
CA GLN A 53 12.91 19.19 -6.01
C GLN A 53 11.70 19.79 -5.39
N VAL A 54 10.57 19.78 -6.11
CA VAL A 54 9.33 20.32 -5.58
C VAL A 54 8.92 19.61 -4.27
N LEU A 55 9.08 18.29 -4.28
CA LEU A 55 8.71 17.44 -3.17
C LEU A 55 9.61 17.63 -1.94
N VAL A 56 10.90 17.76 -2.19
CA VAL A 56 11.88 18.01 -1.11
C VAL A 56 11.45 19.31 -0.40
N GLU A 57 11.10 20.34 -1.16
CA GLU A 57 10.62 21.61 -0.55
C GLU A 57 9.33 21.50 0.23
N PHE A 58 8.36 20.79 -0.35
CA PHE A 58 7.11 20.48 0.35
C PHE A 58 7.36 19.71 1.65
N THR A 59 8.23 18.73 1.59
CA THR A 59 8.53 17.87 2.72
C THR A 59 9.17 18.68 3.87
N LYS A 60 10.14 19.52 3.53
CA LYS A 60 10.81 20.40 4.53
C LYS A 60 9.85 21.26 5.34
N LYS A 61 8.76 21.68 4.72
CA LYS A 61 7.76 22.52 5.35
C LYS A 61 6.62 21.80 6.03
N LEU A 62 6.69 20.48 6.14
CA LEU A 62 5.59 19.78 6.77
C LEU A 62 5.76 19.95 8.27
N PRO A 63 4.65 20.01 9.01
CA PRO A 63 4.79 20.33 10.43
C PRO A 63 5.61 19.34 11.26
N GLY A 64 6.66 19.88 11.86
CA GLY A 64 7.53 19.08 12.67
C GLY A 64 8.65 18.43 11.93
N PHE A 65 8.64 18.48 10.60
CA PHE A 65 9.62 17.69 9.89
C PHE A 65 11.04 18.04 10.27
N GLN A 66 11.26 19.36 10.42
CA GLN A 66 12.58 19.96 10.75
C GLN A 66 13.15 19.50 12.07
N THR A 67 12.27 19.10 12.96
CA THR A 67 12.64 18.67 14.26
C THR A 67 13.04 17.24 14.23
N LEU A 68 12.87 16.51 13.12
CA LEU A 68 13.28 15.08 13.10
C LEU A 68 14.78 15.00 12.91
N ASP A 69 15.34 13.95 13.41
CA ASP A 69 16.69 13.54 13.10
C ASP A 69 17.03 13.57 11.60
N HIS A 70 18.22 14.12 11.26
CA HIS A 70 18.65 14.32 9.87
C HIS A 70 18.70 13.08 8.97
N GLU A 71 19.15 11.94 9.49
CA GLU A 71 19.17 10.72 8.71
C GLU A 71 17.73 10.18 8.53
N ASP A 72 16.86 10.41 9.50
CA ASP A 72 15.48 9.98 9.41
C ASP A 72 14.76 10.86 8.42
N GLN A 73 15.12 12.14 8.32
CA GLN A 73 14.61 12.99 7.23
C GLN A 73 14.87 12.41 5.87
N ILE A 74 16.10 11.96 5.67
CA ILE A 74 16.52 11.42 4.40
C ILE A 74 15.82 10.12 4.11
N ALA A 75 15.74 9.25 5.11
CA ALA A 75 15.02 8.00 4.97
C ALA A 75 13.51 8.17 4.60
N LEU A 76 12.84 9.19 5.14
CA LEU A 76 11.48 9.50 4.78
C LEU A 76 11.40 9.93 3.30
N LEU A 77 12.27 10.85 2.86
CA LEU A 77 12.27 11.26 1.48
C LEU A 77 12.51 10.10 0.55
N LYS A 78 13.51 9.28 0.84
CA LYS A 78 13.81 8.16 -0.04
C LYS A 78 12.69 7.16 -0.05
N GLY A 79 12.14 6.88 1.13
CA GLY A 79 11.11 5.93 1.29
C GLY A 79 9.79 6.35 0.67
N SER A 80 9.51 7.65 0.63
CA SER A 80 8.19 8.09 0.15
C SER A 80 8.11 8.71 -1.25
N ALA A 81 9.24 8.98 -1.91
CA ALA A 81 9.28 9.80 -3.12
C ALA A 81 8.48 9.15 -4.23
N VAL A 82 8.71 7.87 -4.46
CA VAL A 82 8.01 7.18 -5.52
C VAL A 82 6.46 7.24 -5.33
N GLU A 83 5.99 6.93 -4.12
CA GLU A 83 4.57 6.95 -3.86
C GLU A 83 3.97 8.33 -4.05
N ALA A 84 4.69 9.36 -3.55
CA ALA A 84 4.25 10.77 -3.74
C ALA A 84 4.18 11.15 -5.20
N MET A 85 5.09 10.62 -5.98
CA MET A 85 5.10 10.93 -7.40
C MET A 85 3.98 10.21 -8.18
N PHE A 86 3.65 8.98 -7.80
CA PHE A 86 2.49 8.28 -8.34
C PHE A 86 1.21 9.02 -8.00
N LEU A 87 1.06 9.48 -6.76
CA LEU A 87 -0.15 10.18 -6.35
CA LEU A 87 -0.14 10.19 -6.36
C LEU A 87 -0.25 11.53 -7.07
N ARG A 88 0.89 12.21 -7.20
CA ARG A 88 0.89 13.46 -7.96
C ARG A 88 0.50 13.21 -9.43
N SER A 89 1.08 12.17 -10.02
CA SER A 89 0.67 11.82 -11.39
C SER A 89 -0.81 11.51 -11.47
N ALA A 90 -1.38 10.86 -10.45
CA ALA A 90 -2.79 10.55 -10.46
C ALA A 90 -3.59 11.84 -10.47
N GLU A 91 -3.17 12.78 -9.63
CA GLU A 91 -3.80 14.13 -9.59
C GLU A 91 -3.73 14.82 -10.93
N ILE A 92 -2.54 14.84 -11.53
CA ILE A 92 -2.29 15.45 -12.89
C ILE A 92 -3.17 14.86 -14.00
N PHE A 93 -3.27 13.56 -14.00
CA PHE A 93 -4.08 12.88 -15.01
C PHE A 93 -5.60 12.97 -14.81
N ASN A 94 -6.08 13.53 -13.72
CA ASN A 94 -7.50 13.74 -13.47
C ASN A 94 -7.88 15.23 -13.39
N LYS A 95 -6.97 16.07 -13.86
CA LYS A 95 -7.07 17.50 -13.74
C LYS A 95 -7.19 18.07 -15.14
N LYS A 96 -7.82 19.23 -15.31
CA LYS A 96 -7.73 19.88 -16.62
C LYS A 96 -6.33 20.48 -16.86
N LEU A 97 -5.71 20.04 -17.95
CA LEU A 97 -4.38 20.50 -18.30
C LEU A 97 -4.56 21.36 -19.53
N PRO A 98 -3.50 22.12 -19.93
CA PRO A 98 -3.58 22.85 -21.20
C PRO A 98 -3.90 21.92 -22.33
N SER A 99 -4.47 22.49 -23.39
CA SER A 99 -4.94 21.75 -24.54
C SER A 99 -3.95 20.76 -25.10
N GLY A 100 -4.34 19.49 -25.20
CA GLY A 100 -3.44 18.45 -25.72
C GLY A 100 -2.49 17.79 -24.69
N HIS A 101 -2.32 18.38 -23.50
CA HIS A 101 -1.24 17.88 -22.57
C HIS A 101 -1.56 16.49 -22.01
N SER A 102 -2.78 16.29 -21.51
CA SER A 102 -3.18 14.97 -20.98
C SER A 102 -2.99 13.83 -21.94
N ASP A 103 -3.52 14.01 -23.16
CA ASP A 103 -3.49 12.93 -24.13
C ASP A 103 -2.07 12.66 -24.58
N LEU A 104 -1.34 13.68 -24.93
CA LEU A 104 0.02 13.42 -25.42
C LEU A 104 0.98 12.98 -24.32
N LEU A 105 0.79 13.45 -23.09
CA LEU A 105 1.67 12.93 -21.97
C LEU A 105 1.40 11.45 -21.75
N GLU A 106 0.14 11.05 -21.78
CA GLU A 106 -0.18 9.62 -21.72
C GLU A 106 0.48 8.80 -22.84
N GLU A 107 0.40 9.27 -24.07
CA GLU A 107 1.07 8.56 -25.19
C GLU A 107 2.55 8.46 -24.95
N ARG A 108 3.17 9.51 -24.43
CA ARG A 108 4.65 9.49 -24.23
C ARG A 108 5.02 8.51 -23.13
N ILE A 109 4.25 8.48 -22.05
CA ILE A 109 4.56 7.53 -20.93
C ILE A 109 4.35 6.10 -21.42
N ARG A 110 3.36 5.89 -22.30
CA ARG A 110 3.07 4.51 -22.83
C ARG A 110 4.08 4.04 -23.87
N ASN A 111 4.96 4.94 -24.29
CA ASN A 111 6.05 4.61 -25.23
C ASN A 111 7.34 5.27 -24.80
N SER A 112 7.77 4.85 -23.61
CA SER A 112 8.91 5.43 -22.95
C SER A 112 9.82 4.35 -22.42
N GLY A 113 9.65 3.11 -22.89
CA GLY A 113 10.35 1.95 -22.40
C GLY A 113 9.82 1.33 -21.13
N ILE A 114 8.57 1.58 -20.76
CA ILE A 114 7.96 0.98 -19.55
C ILE A 114 7.15 -0.15 -20.15
N SER A 115 7.31 -1.32 -19.62
CA SER A 115 6.54 -2.46 -20.04
C SER A 115 5.03 -2.25 -19.85
N ASP A 116 4.21 -2.91 -20.65
CA ASP A 116 2.78 -2.95 -20.39
C ASP A 116 2.41 -3.50 -19.05
N GLU A 117 3.28 -4.33 -18.46
CA GLU A 117 3.00 -4.90 -17.13
C GLU A 117 2.87 -3.85 -16.05
N TYR A 118 3.59 -2.72 -16.19
CA TYR A 118 3.51 -1.60 -15.25
C TYR A 118 2.65 -0.42 -15.74
N ILE A 119 2.58 -0.22 -17.06
CA ILE A 119 1.67 0.80 -17.61
C ILE A 119 0.23 0.59 -17.23
N THR A 120 -0.26 -0.62 -17.43
CA THR A 120 -1.65 -0.94 -17.18
C THR A 120 -2.07 -0.72 -15.71
N PRO A 121 -1.33 -1.30 -14.75
CA PRO A 121 -1.71 -0.98 -13.41
C PRO A 121 -1.61 0.53 -13.15
N MET A 122 -0.61 1.21 -13.70
CA MET A 122 -0.44 2.64 -13.40
C MET A 122 -1.68 3.45 -13.81
N PHE A 123 -2.11 3.30 -15.07
CA PHE A 123 -3.33 3.96 -15.59
C PHE A 123 -4.60 3.47 -14.95
N SER A 124 -4.59 2.22 -14.48
CA SER A 124 -5.73 1.74 -13.68
C SER A 124 -5.82 2.48 -12.30
N PHE A 125 -4.69 2.62 -11.61
CA PHE A 125 -4.66 3.40 -10.34
C PHE A 125 -5.12 4.84 -10.62
N TYR A 126 -4.67 5.46 -11.70
CA TYR A 126 -5.10 6.84 -12.01
C TYR A 126 -6.59 6.96 -12.17
N LYS A 127 -7.17 5.97 -12.82
CA LYS A 127 -8.63 5.86 -12.87
C LYS A 127 -9.27 5.68 -11.54
N SER A 128 -8.80 4.77 -10.66
CA SER A 128 -9.41 4.67 -9.30
C SER A 128 -9.31 6.01 -8.52
N ILE A 129 -8.22 6.75 -8.70
CA ILE A 129 -8.10 8.05 -8.06
C ILE A 129 -9.15 9.06 -8.59
N GLY A 130 -9.31 9.10 -9.92
CA GLY A 130 -10.31 9.97 -10.56
C GLY A 130 -11.72 9.76 -10.01
N GLU A 131 -12.07 8.50 -9.80
CA GLU A 131 -13.39 8.13 -9.27
C GLU A 131 -13.64 8.53 -7.85
N LEU A 132 -12.58 8.69 -7.05
CA LEU A 132 -12.75 9.32 -5.73
C LEU A 132 -13.11 10.84 -5.69
N LYS A 133 -12.88 11.58 -6.76
CA LYS A 133 -13.19 13.03 -6.88
C LYS A 133 -12.53 13.83 -5.74
N MET A 134 -11.21 13.69 -5.66
CA MET A 134 -10.53 14.18 -4.49
C MET A 134 -10.44 15.73 -4.61
N THR A 135 -10.62 16.44 -3.53
CA THR A 135 -10.31 17.88 -3.56
C THR A 135 -8.81 18.09 -3.43
N GLN A 136 -8.36 19.33 -3.68
CA GLN A 136 -6.99 19.75 -3.44
C GLN A 136 -6.51 19.50 -1.99
N GLU A 137 -7.38 19.70 -1.02
CA GLU A 137 -7.04 19.53 0.36
C GLU A 137 -6.77 18.00 0.64
N GLU A 138 -7.58 17.14 0.03
CA GLU A 138 -7.40 15.67 0.14
C GLU A 138 -6.09 15.24 -0.51
N TYR A 139 -5.80 15.73 -1.71
CA TYR A 139 -4.55 15.43 -2.33
C TYR A 139 -3.35 15.88 -1.43
N ALA A 140 -3.40 17.12 -0.92
CA ALA A 140 -2.31 17.66 -0.14
C ALA A 140 -2.07 16.89 1.15
N LEU A 141 -3.14 16.68 1.89
CA LEU A 141 -3.07 15.95 3.10
C LEU A 141 -2.63 14.49 2.86
N LEU A 142 -3.23 13.81 1.85
CA LEU A 142 -2.86 12.41 1.60
C LEU A 142 -1.37 12.34 1.23
N THR A 143 -0.90 13.31 0.44
CA THR A 143 0.52 13.35 0.08
C THR A 143 1.38 13.50 1.33
N ALA A 144 0.97 14.38 2.21
CA ALA A 144 1.70 14.60 3.46
C ALA A 144 1.70 13.34 4.32
N ILE A 145 0.59 12.61 4.34
CA ILE A 145 0.50 11.36 5.06
C ILE A 145 1.43 10.30 4.51
N VAL A 146 1.47 10.16 3.19
CA VAL A 146 2.42 9.26 2.51
C VAL A 146 3.91 9.57 2.88
N ILE A 147 4.28 10.84 2.80
CA ILE A 147 5.64 11.30 3.15
C ILE A 147 5.99 10.98 4.61
N LEU A 148 5.10 11.25 5.54
CA LEU A 148 5.36 10.95 6.97
C LEU A 148 4.87 9.57 7.37
N SER A 149 5.26 8.55 6.64
CA SER A 149 5.00 7.20 6.97
C SER A 149 6.12 6.64 7.87
N PRO A 150 5.77 6.16 9.07
CA PRO A 150 6.74 5.56 10.03
C PRO A 150 7.38 4.24 9.65
N ASP A 151 6.90 3.56 8.62
CA ASP A 151 7.41 2.21 8.32
C ASP A 151 8.52 2.26 7.30
N ARG A 152 8.87 3.41 6.77
CA ARG A 152 9.88 3.38 5.70
C ARG A 152 11.18 2.75 6.25
N GLN A 153 11.89 2.08 5.36
CA GLN A 153 13.16 1.46 5.69
C GLN A 153 14.18 2.52 6.20
N TYR A 154 14.95 2.07 7.18
CA TYR A 154 16.02 2.85 7.77
C TYR A 154 15.60 4.03 8.70
N ILE A 155 14.30 4.21 8.99
CA ILE A 155 13.89 5.22 9.99
C ILE A 155 14.12 4.69 11.41
N LYS A 156 14.86 5.41 12.26
CA LYS A 156 15.27 4.89 13.58
C LYS A 156 14.20 5.27 14.57
N ASP A 157 13.83 6.56 14.59
CA ASP A 157 12.79 7.06 15.51
C ASP A 157 11.39 7.04 14.86
N ARG A 158 10.82 5.84 14.76
CA ARG A 158 9.57 5.61 14.04
C ARG A 158 8.48 6.33 14.79
N GLU A 159 8.61 6.29 16.12
CA GLU A 159 7.61 6.82 17.05
C GLU A 159 7.36 8.28 16.83
N ALA A 160 8.44 9.06 16.67
CA ALA A 160 8.32 10.51 16.42
C ALA A 160 7.74 10.82 15.01
N VAL A 161 8.07 10.02 13.98
CA VAL A 161 7.37 10.19 12.65
C VAL A 161 5.88 9.98 12.83
N GLU A 162 5.55 8.90 13.55
CA GLU A 162 4.16 8.50 13.81
C GLU A 162 3.32 9.58 14.45
N LYS A 163 3.93 10.40 15.30
CA LYS A 163 3.27 11.54 15.95
C LYS A 163 3.01 12.71 15.03
N LEU A 164 3.88 12.91 14.06
CA LEU A 164 3.66 14.01 13.12
C LEU A 164 2.52 13.65 12.15
N GLN A 165 2.43 12.36 11.85
CA GLN A 165 1.43 11.82 10.92
C GLN A 165 0.01 11.89 11.46
N GLU A 166 -0.13 11.60 12.75
CA GLU A 166 -1.43 11.49 13.42
C GLU A 166 -2.39 12.67 13.23
N PRO A 167 -1.92 13.92 13.43
CA PRO A 167 -2.88 15.02 13.33
C PRO A 167 -3.21 15.27 11.88
N LEU A 168 -2.32 14.90 10.94
CA LEU A 168 -2.75 14.96 9.50
C LEU A 168 -3.96 14.06 9.14
N LEU A 169 -3.94 12.83 9.66
CA LEU A 169 -5.01 11.84 9.54
C LEU A 169 -6.31 12.37 10.18
N ASP A 170 -6.19 12.95 11.36
CA ASP A 170 -7.34 13.60 12.05
C ASP A 170 -8.00 14.69 11.21
N VAL A 171 -7.19 15.58 10.67
CA VAL A 171 -7.71 16.59 9.77
C VAL A 171 -8.33 15.98 8.51
N LEU A 172 -7.60 15.06 7.89
CA LEU A 172 -8.14 14.36 6.70
C LEU A 172 -9.49 13.66 6.97
N GLN A 173 -9.60 12.94 8.08
CA GLN A 173 -10.84 12.29 8.46
C GLN A 173 -12.04 13.28 8.56
N LYS A 174 -11.87 14.39 9.29
CA LYS A 174 -12.96 15.46 9.37
C LYS A 174 -13.24 16.05 8.01
N LEU A 175 -12.22 16.31 7.24
CA LEU A 175 -12.47 16.86 5.92
C LEU A 175 -13.32 15.96 4.98
N CYS A 176 -13.03 14.65 5.00
CA CYS A 176 -13.72 13.66 4.15
C CYS A 176 -15.21 13.67 4.54
N LYS A 177 -15.50 13.65 5.83
CA LYS A 177 -16.85 13.72 6.41
C LYS A 177 -17.63 15.01 6.01
N ILE A 178 -17.00 16.15 6.21
CA ILE A 178 -17.54 17.44 5.77
C ILE A 178 -17.79 17.47 4.27
N HIS A 179 -16.83 17.08 3.44
CA HIS A 179 -16.96 17.20 1.96
C HIS A 179 -17.87 16.15 1.27
N GLN A 180 -17.87 14.91 1.73
CA GLN A 180 -18.62 13.81 1.07
C GLN A 180 -19.42 13.10 2.14
N PRO A 181 -20.37 13.79 2.77
CA PRO A 181 -21.18 13.17 3.83
C PRO A 181 -22.11 12.01 3.29
N GLU A 182 -22.33 12.00 1.99
CA GLU A 182 -22.98 10.90 1.27
C GLU A 182 -22.15 9.64 0.94
N ASN A 183 -20.84 9.65 1.19
CA ASN A 183 -19.96 8.49 1.03
C ASN A 183 -19.24 8.49 2.35
N PRO A 184 -19.90 8.00 3.38
CA PRO A 184 -19.31 8.15 4.66
C PRO A 184 -18.01 7.37 4.88
N GLN A 185 -17.63 6.49 3.97
CA GLN A 185 -16.36 5.79 4.12
C GLN A 185 -15.28 6.32 3.16
N HIS A 186 -15.47 7.57 2.72
CA HIS A 186 -14.54 8.20 1.77
C HIS A 186 -13.11 8.26 2.37
N PHE A 187 -13.01 8.56 3.68
CA PHE A 187 -11.69 8.60 4.40
C PHE A 187 -10.98 7.20 4.36
N ALA A 188 -11.71 6.17 4.73
CA ALA A 188 -11.22 4.81 4.63
C ALA A 188 -10.78 4.49 3.21
N GLU A 189 -11.52 4.92 2.22
CA GLU A 189 -11.15 4.65 0.83
C GLU A 189 -9.84 5.34 0.44
N LEU A 190 -9.62 6.55 0.94
CA LEU A 190 -8.33 7.21 0.72
C LEU A 190 -7.21 6.40 1.37
N LEU A 191 -7.43 5.87 2.56
CA LEU A 191 -6.39 5.06 3.18
C LEU A 191 -6.13 3.78 2.40
N GLY A 192 -7.18 3.20 1.79
CA GLY A 192 -7.00 2.10 0.91
C GLY A 192 -6.15 2.41 -0.32
N ARG A 193 -6.14 3.67 -0.78
CA ARG A 193 -5.28 4.03 -1.88
CA ARG A 193 -5.27 4.03 -1.88
C ARG A 193 -3.82 4.02 -1.39
N LEU A 194 -3.61 4.31 -0.11
CA LEU A 194 -2.24 4.17 0.47
C LEU A 194 -1.66 2.77 0.32
N THR A 195 -2.50 1.76 0.55
CA THR A 195 -2.08 0.35 0.45
C THR A 195 -1.66 0.05 -0.95
N GLU A 196 -2.46 0.53 -1.87
CA GLU A 196 -2.25 0.28 -3.27
C GLU A 196 -1.04 1.06 -3.78
N LEU A 197 -0.79 2.27 -3.24
CA LEU A 197 0.51 2.94 -3.57
C LEU A 197 1.76 2.10 -3.26
N ARG A 198 1.65 1.20 -2.26
CA ARG A 198 2.81 0.36 -1.92
C ARG A 198 3.21 -0.54 -3.09
N THR A 199 2.24 -1.00 -3.89
CA THR A 199 2.55 -1.87 -5.05
C THR A 199 3.42 -1.11 -6.10
N PHE A 200 3.21 0.22 -6.23
CA PHE A 200 3.96 1.05 -7.16
C PHE A 200 5.40 1.18 -6.80
N ASN A 201 5.75 1.21 -5.53
CA ASN A 201 7.17 0.94 -5.12
C ASN A 201 7.91 -0.22 -5.71
N HIS A 202 7.34 -1.42 -5.62
CA HIS A 202 7.87 -2.59 -6.35
C HIS A 202 7.90 -2.41 -7.85
N HIS A 203 6.81 -1.97 -8.41
CA HIS A 203 6.78 -1.77 -9.85
C HIS A 203 7.90 -0.83 -10.27
N HIS A 204 8.16 0.22 -9.48
CA HIS A 204 9.09 1.25 -9.91
C HIS A 204 10.58 0.77 -9.95
N ALA A 205 11.01 -0.07 -9.00
CA ALA A 205 12.38 -0.60 -8.97
C ALA A 205 12.62 -1.42 -10.24
N GLU A 206 11.61 -2.15 -10.63
CA GLU A 206 11.64 -2.90 -11.87
C GLU A 206 11.70 -2.05 -13.14
N MET A 207 10.87 -1.00 -13.24
CA MET A 207 10.97 -0.01 -14.31
C MET A 207 12.36 0.63 -14.36
N LEU A 208 12.93 0.95 -13.21
CA LEU A 208 14.23 1.59 -13.21
C LEU A 208 15.32 0.64 -13.74
N MET A 209 15.27 -0.63 -13.32
CA MET A 209 16.27 -1.62 -13.81
CA MET A 209 16.23 -1.67 -13.76
C MET A 209 16.06 -1.84 -15.30
N SER A 210 14.82 -1.95 -15.76
CA SER A 210 14.62 -2.04 -17.26
C SER A 210 15.19 -0.86 -18.00
N TRP A 211 14.91 0.35 -17.50
CA TRP A 211 15.49 1.54 -18.11
C TRP A 211 17.00 1.48 -18.13
N ARG A 212 17.60 1.11 -17.01
CA ARG A 212 19.07 1.00 -16.92
C ARG A 212 19.67 -0.06 -17.90
N VAL A 213 19.05 -1.21 -18.04
CA VAL A 213 19.62 -2.22 -18.96
C VAL A 213 19.40 -1.87 -20.45
N ASN A 214 18.43 -1.00 -20.75
CA ASN A 214 18.28 -0.36 -22.09
C ASN A 214 19.12 0.91 -22.22
N ASP A 215 20.11 1.05 -21.33
CA ASP A 215 21.09 2.14 -21.31
C ASP A 215 20.50 3.55 -21.29
N HIS A 216 19.46 3.75 -20.48
CA HIS A 216 18.98 5.08 -20.16
C HIS A 216 19.74 5.52 -18.90
N LYS A 217 20.04 6.81 -18.82
CA LYS A 217 20.77 7.42 -17.70
C LYS A 217 19.89 8.40 -16.94
N PHE A 218 20.06 8.46 -15.63
CA PHE A 218 19.27 9.35 -14.79
C PHE A 218 20.11 10.50 -14.25
N THR A 219 19.45 11.60 -13.92
CA THR A 219 20.12 12.73 -13.32
C THR A 219 20.67 12.40 -11.94
N PRO A 220 21.63 13.21 -11.47
CA PRO A 220 22.29 12.85 -10.19
C PRO A 220 21.30 12.82 -9.01
N LEU A 221 20.35 13.74 -9.01
CA LEU A 221 19.35 13.80 -7.95
C LEU A 221 18.52 12.50 -7.90
N LEU A 222 18.09 12.01 -9.07
CA LEU A 222 17.30 10.79 -9.15
C LEU A 222 18.08 9.58 -8.72
N GLU A 223 19.36 9.57 -9.04
CA GLU A 223 20.25 8.47 -8.67
C GLU A 223 20.37 8.36 -7.15
N GLU A 224 20.42 9.51 -6.50
CA GLU A 224 20.42 9.55 -5.06
C GLU A 224 19.12 9.15 -4.44
N ILE A 225 18.02 9.80 -4.84
CA ILE A 225 16.77 9.57 -4.14
C ILE A 225 16.22 8.18 -4.32
N TRP A 226 16.54 7.53 -5.45
CA TRP A 226 16.06 6.19 -5.75
C TRP A 226 17.14 5.12 -5.64
N ASP A 227 18.32 5.44 -5.11
CA ASP A 227 19.45 4.47 -5.03
C ASP A 227 19.92 3.88 -6.39
N VAL A 228 19.95 4.73 -7.42
CA VAL A 228 20.48 4.43 -8.77
C VAL A 228 19.76 3.25 -9.42
N HIS B 3 23.69 10.58 0.79
CA HIS B 3 24.44 11.06 -0.39
C HIS B 3 24.27 12.62 -0.51
N LYS B 4 25.29 13.25 -1.11
CA LYS B 4 25.48 14.72 -1.14
C LYS B 4 24.29 15.65 -1.38
N ILE B 5 23.59 15.46 -2.51
CA ILE B 5 22.59 16.43 -3.04
C ILE B 5 21.38 16.58 -2.10
N LEU B 6 20.84 15.45 -1.67
CA LEU B 6 19.66 15.47 -0.84
C LEU B 6 19.90 16.17 0.49
N HIS B 7 21.03 15.82 1.13
CA HIS B 7 21.54 16.52 2.31
C HIS B 7 21.55 18.05 2.12
N ARG B 8 22.05 18.51 0.97
CA ARG B 8 22.18 19.93 0.67
C ARG B 8 20.81 20.60 0.53
N LEU B 9 19.92 19.96 -0.25
CA LEU B 9 18.55 20.48 -0.45
C LEU B 9 17.79 20.58 0.85
N LEU B 10 18.02 19.62 1.75
CA LEU B 10 17.44 19.72 3.09
C LEU B 10 17.97 20.86 4.01
N GLN B 11 19.07 21.52 3.67
CA GLN B 11 19.58 22.61 4.51
C GLN B 11 19.70 23.86 3.65
N GLU B 12 18.63 24.18 2.94
CA GLU B 12 18.61 25.25 1.95
C GLU B 12 17.35 26.10 2.16
N GLU C 4 -26.96 -4.59 10.53
CA GLU C 4 -25.75 -4.53 9.63
C GLU C 4 -25.91 -5.48 8.43
N ASP C 5 -25.60 -4.97 7.24
CA ASP C 5 -25.42 -5.83 6.07
C ASP C 5 -23.97 -6.45 5.97
N MET C 6 -23.15 -6.16 6.96
CA MET C 6 -21.83 -6.76 7.12
C MET C 6 -21.58 -6.83 8.60
N PRO C 7 -22.23 -7.78 9.29
CA PRO C 7 -22.12 -7.84 10.74
C PRO C 7 -20.78 -8.21 11.30
N VAL C 8 -20.30 -7.44 12.28
CA VAL C 8 -19.02 -7.73 12.85
C VAL C 8 -18.96 -9.02 13.63
N GLU C 9 -20.12 -9.49 14.11
CA GLU C 9 -20.15 -10.71 14.92
C GLU C 9 -20.01 -11.94 14.00
N ARG C 10 -20.56 -11.86 12.81
CA ARG C 10 -20.32 -12.85 11.79
C ARG C 10 -18.87 -12.85 11.27
N ILE C 11 -18.25 -11.66 11.19
CA ILE C 11 -16.80 -11.62 10.89
C ILE C 11 -16.00 -12.27 12.00
N LEU C 12 -16.33 -11.94 13.26
CA LEU C 12 -15.62 -12.58 14.35
C LEU C 12 -15.88 -14.13 14.37
N GLU C 13 -17.12 -14.50 14.13
CA GLU C 13 -17.47 -15.94 14.09
C GLU C 13 -16.51 -16.61 13.09
N ALA C 14 -16.38 -16.08 11.86
CA ALA C 14 -15.42 -16.65 10.86
C ALA C 14 -13.99 -16.85 11.42
N GLU C 15 -13.47 -15.86 12.12
CA GLU C 15 -12.17 -16.00 12.72
C GLU C 15 -12.14 -17.17 13.70
N LEU C 16 -13.15 -17.22 14.60
CA LEU C 16 -13.16 -18.22 15.69
C LEU C 16 -13.39 -19.62 15.12
N ALA C 17 -14.31 -19.76 14.16
CA ALA C 17 -14.50 -21.01 13.41
C ALA C 17 -13.25 -21.70 12.89
N VAL C 18 -12.26 -20.90 12.43
CA VAL C 18 -11.03 -21.44 11.88
C VAL C 18 -9.83 -21.35 12.83
N GLU C 19 -9.96 -20.69 13.97
CA GLU C 19 -8.89 -20.56 15.02
C GLU C 19 -8.26 -21.92 15.33
N ASP C 39 14.87 -26.38 9.71
CA ASP C 39 14.56 -25.84 8.38
C ASP C 39 13.25 -25.00 8.41
N PRO C 40 13.38 -23.69 8.63
CA PRO C 40 12.22 -22.81 8.86
C PRO C 40 11.38 -22.49 7.59
N VAL C 41 12.05 -22.32 6.46
CA VAL C 41 11.38 -22.05 5.21
C VAL C 41 10.47 -23.25 4.87
N THR C 42 10.99 -24.47 5.01
CA THR C 42 10.17 -25.64 4.84
C THR C 42 9.00 -25.69 5.82
N ASN C 43 9.20 -25.44 7.11
CA ASN C 43 8.09 -25.48 8.05
C ASN C 43 6.99 -24.43 7.75
N ILE C 44 7.44 -23.25 7.39
CA ILE C 44 6.54 -22.13 7.05
C ILE C 44 5.72 -22.47 5.82
N CYS C 45 6.38 -22.93 4.79
CA CYS C 45 5.69 -23.41 3.61
C CYS C 45 4.65 -24.49 3.86
N GLN C 46 4.99 -25.43 4.76
CA GLN C 46 4.08 -26.49 5.13
C GLN C 46 2.88 -25.96 5.87
N ALA C 47 3.10 -25.00 6.76
CA ALA C 47 1.99 -24.39 7.47
C ALA C 47 1.10 -23.54 6.55
N ALA C 48 1.70 -22.93 5.53
CA ALA C 48 1.00 -22.10 4.55
C ALA C 48 0.04 -22.98 3.76
N ASP C 49 0.57 -24.10 3.27
CA ASP C 49 -0.26 -25.10 2.55
C ASP C 49 -1.43 -25.55 3.40
N LYS C 50 -1.19 -25.94 4.65
CA LYS C 50 -2.28 -26.28 5.57
C LYS C 50 -3.31 -25.15 5.73
N GLN C 51 -2.82 -23.94 5.98
CA GLN C 51 -3.73 -22.85 6.23
C GLN C 51 -4.46 -22.39 4.96
N LEU C 52 -3.95 -22.71 3.79
CA LEU C 52 -4.63 -22.37 2.58
C LEU C 52 -5.99 -23.07 2.51
N PHE C 53 -6.07 -24.33 2.97
CA PHE C 53 -7.37 -25.08 3.05
C PHE C 53 -8.31 -24.34 3.98
N THR C 54 -7.82 -23.96 5.14
CA THR C 54 -8.64 -23.31 6.11
C THR C 54 -8.98 -21.86 5.72
N LEU C 55 -8.14 -21.20 4.93
CA LEU C 55 -8.40 -19.88 4.41
C LEU C 55 -9.63 -19.79 3.54
N VAL C 56 -9.78 -20.75 2.64
CA VAL C 56 -10.99 -20.77 1.82
C VAL C 56 -12.22 -20.96 2.68
N GLU C 57 -12.16 -21.82 3.69
CA GLU C 57 -13.31 -21.97 4.66
C GLU C 57 -13.61 -20.63 5.37
N TRP C 58 -12.55 -19.93 5.73
CA TRP C 58 -12.73 -18.58 6.34
C TRP C 58 -13.47 -17.62 5.41
N ALA C 59 -12.99 -17.56 4.18
CA ALA C 59 -13.56 -16.60 3.24
C ALA C 59 -15.06 -16.88 2.93
N LYS C 60 -15.40 -18.18 2.78
CA LYS C 60 -16.83 -18.57 2.63
C LYS C 60 -17.71 -18.05 3.80
N ARG C 61 -17.15 -17.96 4.99
CA ARG C 61 -17.84 -17.43 6.14
C ARG C 61 -17.95 -15.93 6.23
N ILE C 62 -17.27 -15.20 5.36
CA ILE C 62 -17.35 -13.75 5.37
C ILE C 62 -18.64 -13.32 4.62
N PRO C 63 -19.48 -12.52 5.27
CA PRO C 63 -20.74 -12.23 4.60
C PRO C 63 -20.63 -11.79 3.18
N HIS C 64 -21.38 -12.48 2.32
CA HIS C 64 -21.59 -12.08 0.93
C HIS C 64 -20.50 -12.48 -0.01
N PHE C 65 -19.37 -12.99 0.48
CA PHE C 65 -18.30 -13.38 -0.47
C PHE C 65 -18.69 -14.53 -1.39
N SER C 66 -19.31 -15.60 -0.84
CA SER C 66 -19.74 -16.73 -1.71
C SER C 66 -20.85 -16.33 -2.72
N GLU C 67 -21.51 -15.17 -2.52
CA GLU C 67 -22.48 -14.62 -3.52
C GLU C 67 -21.87 -13.96 -4.69
N LEU C 68 -20.55 -13.69 -4.66
CA LEU C 68 -19.87 -13.15 -5.82
C LEU C 68 -19.70 -14.24 -6.87
N PRO C 69 -19.46 -13.84 -8.12
CA PRO C 69 -19.10 -14.77 -9.16
C PRO C 69 -17.93 -15.65 -8.79
N LEU C 70 -17.97 -16.90 -9.21
CA LEU C 70 -16.98 -17.83 -8.75
C LEU C 70 -15.61 -17.39 -9.18
N ASP C 71 -15.52 -16.89 -10.42
CA ASP C 71 -14.27 -16.52 -10.97
C ASP C 71 -13.70 -15.28 -10.21
N ASP C 72 -14.56 -14.48 -9.62
CA ASP C 72 -14.15 -13.33 -8.85
C ASP C 72 -13.61 -13.82 -7.48
N GLN C 73 -14.33 -14.78 -6.85
CA GLN C 73 -13.90 -15.41 -5.63
C GLN C 73 -12.53 -15.99 -5.81
N VAL C 74 -12.33 -16.67 -6.93
CA VAL C 74 -11.03 -17.21 -7.29
C VAL C 74 -9.94 -16.11 -7.34
N ILE C 75 -10.24 -15.08 -8.14
CA ILE C 75 -9.41 -13.90 -8.24
C ILE C 75 -9.09 -13.24 -6.89
N LEU C 76 -10.07 -13.05 -6.01
CA LEU C 76 -9.80 -12.38 -4.75
C LEU C 76 -8.87 -13.18 -3.85
N LEU C 77 -8.96 -14.52 -3.87
CA LEU C 77 -8.15 -15.32 -3.00
C LEU C 77 -6.76 -15.50 -3.54
N ARG C 78 -6.63 -15.55 -4.85
CA ARG C 78 -5.34 -15.62 -5.48
C ARG C 78 -4.56 -14.33 -5.29
N ALA C 79 -5.27 -13.25 -5.28
CA ALA C 79 -4.63 -11.97 -5.01
C ALA C 79 -4.28 -11.73 -3.55
N GLY C 80 -5.08 -12.17 -2.60
CA GLY C 80 -4.90 -11.83 -1.20
C GLY C 80 -4.33 -12.88 -0.29
N TRP C 81 -4.16 -14.13 -0.76
CA TRP C 81 -3.88 -15.24 0.17
C TRP C 81 -2.67 -15.01 1.06
N ASN C 82 -1.61 -14.50 0.47
CA ASN C 82 -0.37 -14.29 1.22
C ASN C 82 -0.56 -13.24 2.34
N GLU C 83 -1.22 -12.15 2.05
CA GLU C 83 -1.52 -11.19 3.08
C GLU C 83 -2.52 -11.70 4.13
N LEU C 84 -3.54 -12.39 3.69
CA LEU C 84 -4.51 -12.95 4.63
C LEU C 84 -3.87 -13.91 5.59
N LEU C 85 -2.95 -14.73 5.10
CA LEU C 85 -2.27 -15.66 5.99
C LEU C 85 -1.23 -14.98 6.91
N ILE C 86 -0.49 -14.01 6.38
CA ILE C 86 0.52 -13.27 7.16
C ILE C 86 -0.20 -12.54 8.29
N ALA C 87 -1.37 -11.95 8.01
CA ALA C 87 -2.13 -11.29 9.07
C ALA C 87 -2.52 -12.27 10.20
N SER C 88 -3.02 -13.41 9.81
CA SER C 88 -3.45 -14.44 10.84
C SER C 88 -2.30 -14.93 11.74
N PHE C 89 -1.17 -15.35 11.15
CA PHE C 89 -0.02 -15.80 11.99
C PHE C 89 0.65 -14.69 12.81
N SER C 90 0.67 -13.48 12.26
CA SER C 90 1.17 -12.33 13.01
C SER C 90 0.33 -12.14 14.27
N HIS C 91 -0.99 -12.08 14.11
CA HIS C 91 -1.86 -11.87 15.26
C HIS C 91 -1.72 -12.97 16.32
N ARG C 92 -1.78 -14.23 15.87
CA ARG C 92 -1.57 -15.44 16.73
C ARG C 92 -0.25 -15.31 17.50
N SER C 93 0.76 -14.73 16.86
CA SER C 93 2.08 -14.64 17.47
C SER C 93 2.22 -13.60 18.58
N ILE C 94 1.13 -12.89 18.92
CA ILE C 94 1.19 -11.86 19.97
C ILE C 94 1.70 -12.38 21.32
N ALA C 95 1.43 -13.65 21.62
CA ALA C 95 1.84 -14.27 22.88
C ALA C 95 3.33 -14.64 22.93
N VAL C 96 3.95 -14.91 21.80
CA VAL C 96 5.30 -15.51 21.83
C VAL C 96 6.36 -14.42 21.88
N LYS C 97 7.53 -14.79 22.39
CA LYS C 97 8.68 -13.89 22.49
C LYS C 97 9.61 -14.14 21.32
N ASP C 98 9.93 -13.09 20.57
CA ASP C 98 10.93 -13.17 19.47
C ASP C 98 10.64 -14.29 18.42
N GLY C 99 9.40 -14.48 18.06
CA GLY C 99 9.15 -15.20 16.82
C GLY C 99 7.72 -15.46 16.52
N ILE C 100 7.47 -16.56 15.85
CA ILE C 100 6.23 -16.77 15.11
C ILE C 100 5.66 -18.10 15.57
N LEU C 101 4.41 -18.11 16.01
CA LEU C 101 3.67 -19.34 16.16
C LEU C 101 2.96 -19.81 14.87
N LEU C 102 3.53 -20.83 14.22
CA LEU C 102 2.84 -21.46 13.08
C LEU C 102 1.59 -22.22 13.49
N ALA C 103 0.73 -22.47 12.49
CA ALA C 103 -0.54 -23.11 12.74
C ALA C 103 -0.34 -24.61 13.05
N THR C 104 0.79 -25.15 12.65
CA THR C 104 1.17 -26.51 12.94
C THR C 104 1.67 -26.66 14.36
N GLY C 105 1.98 -25.55 15.04
CA GLY C 105 2.36 -25.56 16.45
C GLY C 105 3.85 -25.35 16.71
N LEU C 106 4.67 -25.46 15.67
CA LEU C 106 6.06 -25.00 15.63
C LEU C 106 6.28 -23.42 15.78
N HIS C 107 7.18 -23.03 16.69
CA HIS C 107 7.43 -21.62 17.07
C HIS C 107 8.71 -21.21 16.40
N VAL C 108 8.68 -20.53 15.25
CA VAL C 108 9.92 -20.16 14.51
C VAL C 108 10.55 -18.90 15.13
N HIS C 109 11.85 -18.96 15.42
CA HIS C 109 12.57 -17.89 16.11
C HIS C 109 13.59 -17.22 15.20
N ARG C 110 14.03 -16.06 15.67
CA ARG C 110 14.83 -15.11 14.90
C ARG C 110 16.01 -15.73 14.21
N ASN C 111 16.76 -16.49 15.01
CA ASN C 111 18.04 -17.08 14.61
C ASN C 111 17.88 -18.08 13.42
N SER C 112 16.94 -19.04 13.56
CA SER C 112 16.64 -19.96 12.44
C SER C 112 16.25 -19.19 11.21
N ALA C 113 15.46 -18.10 11.38
CA ALA C 113 15.05 -17.28 10.21
C ALA C 113 16.22 -16.67 9.51
N HIS C 114 17.05 -15.99 10.29
CA HIS C 114 18.27 -15.37 9.75
C HIS C 114 19.29 -16.41 9.12
N SER C 115 19.51 -17.53 9.80
CA SER C 115 20.33 -18.64 9.18
C SER C 115 19.81 -18.93 7.76
N ALA C 116 18.47 -18.89 7.57
CA ALA C 116 17.91 -19.35 6.32
C ALA C 116 17.88 -18.32 5.21
N GLY C 117 18.48 -17.15 5.42
CA GLY C 117 18.50 -16.13 4.37
C GLY C 117 17.20 -15.30 4.24
N VAL C 118 16.28 -15.39 5.21
CA VAL C 118 14.96 -14.68 5.22
C VAL C 118 14.74 -13.87 6.53
N GLY C 119 15.85 -13.33 7.03
CA GLY C 119 15.84 -12.63 8.29
C GLY C 119 15.14 -11.29 8.19
N ALA C 120 15.42 -10.57 7.10
CA ALA C 120 14.84 -9.28 6.81
C ALA C 120 13.29 -9.28 6.85
N ILE C 121 12.70 -10.17 6.06
CA ILE C 121 11.25 -10.40 6.06
C ILE C 121 10.71 -10.77 7.42
N PHE C 122 11.34 -11.76 8.04
CA PHE C 122 10.94 -12.15 9.36
C PHE C 122 10.96 -10.98 10.36
N ASP C 123 11.97 -10.13 10.25
CA ASP C 123 12.08 -8.99 11.20
C ASP C 123 10.91 -7.99 10.98
N ARG C 124 10.69 -7.59 9.75
CA ARG C 124 9.49 -6.76 9.36
C ARG C 124 8.16 -7.27 9.85
N VAL C 125 7.96 -8.61 9.82
CA VAL C 125 6.74 -9.18 10.36
C VAL C 125 6.62 -8.93 11.83
N LEU C 126 7.72 -9.23 12.54
CA LEU C 126 7.73 -9.02 13.98
C LEU C 126 7.45 -7.54 14.36
N THR C 127 8.14 -6.63 13.67
CA THR C 127 8.10 -5.19 14.03
C THR C 127 6.88 -4.44 13.46
N GLU C 128 6.63 -4.57 12.15
CA GLU C 128 5.50 -3.87 11.49
C GLU C 128 4.14 -4.52 11.81
N LEU C 129 4.11 -5.82 12.14
CA LEU C 129 2.85 -6.47 12.41
C LEU C 129 2.63 -6.98 13.82
N VAL C 130 3.40 -7.98 14.24
CA VAL C 130 3.18 -8.61 15.56
C VAL C 130 3.25 -7.52 16.66
N SER C 131 4.30 -6.70 16.64
CA SER C 131 4.52 -5.68 17.73
C SER C 131 3.43 -4.64 17.79
N LYS C 132 3.04 -4.11 16.63
CA LYS C 132 1.94 -3.12 16.54
C LYS C 132 0.61 -3.70 16.90
N MET C 133 0.30 -4.95 16.50
CA MET C 133 -0.91 -5.61 16.95
C MET C 133 -0.94 -5.81 18.47
N ARG C 134 0.22 -6.16 19.01
CA ARG C 134 0.35 -6.35 20.47
C ARG C 134 0.24 -5.00 21.18
N ASP C 135 1.00 -3.99 20.77
CA ASP C 135 0.97 -2.65 21.44
C ASP C 135 -0.37 -2.00 21.42
N MET C 136 -1.11 -2.06 20.30
CA MET C 136 -2.49 -1.52 20.22
C MET C 136 -3.55 -2.45 20.75
N GLN C 137 -3.15 -3.65 21.14
CA GLN C 137 -4.07 -4.74 21.47
C GLN C 137 -5.14 -5.01 20.42
N MET C 138 -4.74 -5.27 19.18
CA MET C 138 -5.73 -5.53 18.13
C MET C 138 -6.59 -6.72 18.58
N ASP C 139 -7.90 -6.63 18.56
CA ASP C 139 -8.70 -7.76 18.97
C ASP C 139 -9.07 -8.55 17.74
N LYS C 140 -9.82 -9.65 17.91
CA LYS C 140 -10.10 -10.58 16.81
C LYS C 140 -11.14 -10.06 15.89
N THR C 141 -12.10 -9.27 16.40
CA THR C 141 -13.05 -8.59 15.53
C THR C 141 -12.30 -7.69 14.57
N GLU C 142 -11.31 -6.98 15.09
CA GLU C 142 -10.55 -6.00 14.32
C GLU C 142 -9.66 -6.68 13.27
N LEU C 143 -9.00 -7.76 13.68
CA LEU C 143 -8.29 -8.61 12.76
C LEU C 143 -9.20 -9.16 11.63
N GLY C 144 -10.30 -9.79 12.01
CA GLY C 144 -11.24 -10.31 11.03
C GLY C 144 -11.69 -9.28 10.05
N CYS C 145 -11.97 -8.04 10.53
CA CYS C 145 -12.40 -6.99 9.61
C CYS C 145 -11.29 -6.59 8.64
N LEU C 146 -10.10 -6.40 9.16
CA LEU C 146 -8.96 -6.07 8.32
C LEU C 146 -8.76 -7.14 7.26
N ARG C 147 -8.88 -8.42 7.62
CA ARG C 147 -8.70 -9.51 6.66
C ARG C 147 -9.83 -9.47 5.60
N ALA C 148 -11.06 -9.16 6.01
CA ALA C 148 -12.12 -9.03 5.05
C ALA C 148 -11.88 -7.86 4.07
N ILE C 149 -11.27 -6.80 4.54
CA ILE C 149 -10.90 -5.67 3.62
C ILE C 149 -9.91 -6.15 2.63
N VAL C 150 -8.90 -6.89 3.15
CA VAL C 150 -7.90 -7.42 2.24
C VAL C 150 -8.60 -8.33 1.20
N LEU C 151 -9.49 -9.20 1.68
CA LEU C 151 -10.18 -10.15 0.77
C LEU C 151 -10.93 -9.41 -0.34
N PHE C 152 -11.71 -8.39 0.02
CA PHE C 152 -12.50 -7.56 -0.92
C PHE C 152 -11.62 -6.44 -1.51
N ASN C 153 -10.64 -6.85 -2.30
CA ASN C 153 -9.73 -5.98 -2.95
C ASN C 153 -10.21 -5.69 -4.35
N PRO C 154 -10.78 -4.49 -4.60
CA PRO C 154 -11.40 -4.19 -5.87
C PRO C 154 -10.40 -3.90 -6.97
N ASP C 155 -9.13 -3.70 -6.61
CA ASP C 155 -8.07 -3.50 -7.59
C ASP C 155 -7.58 -4.79 -8.24
N SER C 156 -8.04 -5.94 -7.76
CA SER C 156 -7.48 -7.21 -8.25
C SER C 156 -7.74 -7.34 -9.76
N LYS C 157 -6.73 -7.72 -10.50
CA LYS C 157 -6.83 -7.79 -11.96
C LYS C 157 -7.87 -8.86 -12.40
N GLY C 158 -8.80 -8.51 -13.29
CA GLY C 158 -9.72 -9.47 -13.89
C GLY C 158 -11.05 -9.56 -13.21
N LEU C 159 -11.35 -8.77 -12.18
CA LEU C 159 -12.67 -8.87 -11.58
C LEU C 159 -13.77 -8.53 -12.59
N SER C 160 -14.81 -9.35 -12.63
CA SER C 160 -15.93 -9.15 -13.54
C SER C 160 -16.70 -7.92 -13.08
N ASN C 161 -16.75 -7.66 -11.76
CA ASN C 161 -17.38 -6.47 -11.32
C ASN C 161 -16.63 -5.82 -10.14
N PRO C 162 -15.60 -5.03 -10.48
CA PRO C 162 -14.88 -4.35 -9.39
C PRO C 162 -15.73 -3.54 -8.41
N ALA C 163 -16.90 -3.05 -8.85
CA ALA C 163 -17.70 -2.12 -8.09
C ALA C 163 -18.39 -2.78 -6.96
N GLU C 164 -18.84 -3.99 -7.16
CA GLU C 164 -19.51 -4.70 -6.05
C GLU C 164 -18.51 -5.25 -5.01
N VAL C 165 -17.29 -5.50 -5.43
CA VAL C 165 -16.21 -5.91 -4.40
C VAL C 165 -15.90 -4.63 -3.60
N GLU C 166 -15.75 -3.48 -4.30
CA GLU C 166 -15.59 -2.16 -3.61
C GLU C 166 -16.71 -1.89 -2.68
N ALA C 167 -17.94 -2.25 -3.10
CA ALA C 167 -19.12 -2.05 -2.25
C ALA C 167 -19.09 -2.85 -1.01
N LEU C 168 -18.70 -4.13 -1.17
CA LEU C 168 -18.53 -5.01 0.01
C LEU C 168 -17.39 -4.54 0.97
N ARG C 169 -16.27 -4.10 0.42
CA ARG C 169 -15.20 -3.45 1.23
C ARG C 169 -15.76 -2.28 2.00
N GLU C 170 -16.45 -1.39 1.30
CA GLU C 170 -17.10 -0.22 1.95
C GLU C 170 -18.00 -0.64 3.08
N LYS C 171 -18.70 -1.77 2.93
CA LYS C 171 -19.51 -2.31 4.10
C LYS C 171 -18.65 -2.74 5.27
N VAL C 172 -17.50 -3.38 4.98
CA VAL C 172 -16.62 -3.70 6.11
C VAL C 172 -16.09 -2.45 6.79
N TYR C 173 -15.68 -1.49 5.96
CA TYR C 173 -15.14 -0.26 6.51
C TYR C 173 -16.14 0.38 7.44
N ALA C 174 -17.39 0.49 6.98
CA ALA C 174 -18.47 1.10 7.82
C ALA C 174 -18.73 0.29 9.10
N SER C 175 -18.78 -1.04 8.98
CA SER C 175 -19.01 -1.86 10.20
C SER C 175 -17.84 -1.84 11.16
N LEU C 176 -16.61 -1.83 10.62
CA LEU C 176 -15.43 -1.75 11.50
C LEU C 176 -15.42 -0.39 12.19
N GLU C 177 -15.70 0.68 11.46
CA GLU C 177 -15.61 2.00 12.10
C GLU C 177 -16.58 2.10 13.25
N ALA C 178 -17.84 1.69 13.02
CA ALA C 178 -18.84 1.67 14.12
C ALA C 178 -18.38 0.81 15.28
N TYR C 179 -17.70 -0.31 15.02
CA TYR C 179 -17.27 -1.14 16.13
C TYR C 179 -16.26 -0.41 16.96
N CYS C 180 -15.26 0.24 16.34
CA CYS C 180 -14.27 1.00 17.07
C CYS C 180 -14.84 2.18 17.88
N LYS C 181 -15.90 2.80 17.39
CA LYS C 181 -16.50 3.92 18.13
C LYS C 181 -17.20 3.37 19.37
N HIS C 182 -18.03 2.35 19.17
CA HIS C 182 -18.67 1.65 20.28
C HIS C 182 -17.66 1.05 21.30
N LYS C 183 -16.68 0.24 20.87
CA LYS C 183 -15.77 -0.41 21.84
C LYS C 183 -14.66 0.45 22.38
N TYR C 184 -14.15 1.39 21.59
CA TYR C 184 -12.97 2.14 22.04
C TYR C 184 -13.21 3.65 21.92
N PRO C 185 -14.30 4.16 22.57
CA PRO C 185 -14.75 5.55 22.38
C PRO C 185 -13.68 6.58 22.74
N GLU C 186 -12.86 6.24 23.71
CA GLU C 186 -11.72 7.04 24.12
C GLU C 186 -10.48 6.99 23.17
N GLN C 187 -10.60 6.32 22.01
CA GLN C 187 -9.53 6.15 21.01
C GLN C 187 -10.04 6.56 19.60
N PRO C 188 -10.37 7.85 19.41
CA PRO C 188 -10.96 8.24 18.13
C PRO C 188 -10.06 7.96 16.92
N GLY C 189 -8.74 7.87 17.13
CA GLY C 189 -7.77 7.57 16.06
C GLY C 189 -7.61 6.07 15.72
N ARG C 190 -8.47 5.21 16.28
CA ARG C 190 -8.15 3.79 16.33
C ARG C 190 -8.52 3.10 14.99
N PHE C 191 -9.62 3.53 14.41
CA PHE C 191 -10.02 3.10 13.09
C PHE C 191 -8.92 3.39 12.07
N ALA C 192 -8.39 4.62 12.04
CA ALA C 192 -7.26 4.94 11.16
C ALA C 192 -6.03 4.05 11.43
N LYS C 193 -5.69 3.89 12.68
CA LYS C 193 -4.51 3.12 13.04
C LYS C 193 -4.65 1.67 12.56
N LEU C 194 -5.83 1.08 12.72
CA LEU C 194 -6.09 -0.23 12.13
C LEU C 194 -5.89 -0.27 10.63
N LEU C 195 -6.49 0.67 9.89
CA LEU C 195 -6.36 0.68 8.45
C LEU C 195 -4.95 0.90 7.99
N LEU C 196 -4.18 1.65 8.76
CA LEU C 196 -2.79 1.90 8.43
C LEU C 196 -1.86 0.70 8.67
N ARG C 197 -2.36 -0.41 9.21
CA ARG C 197 -1.56 -1.70 9.10
C ARG C 197 -1.58 -2.31 7.71
N LEU C 198 -2.55 -1.91 6.86
CA LEU C 198 -2.72 -2.57 5.61
C LEU C 198 -1.63 -2.26 4.62
N PRO C 199 -1.14 -0.99 4.54
CA PRO C 199 -0.02 -0.75 3.62
C PRO C 199 1.24 -1.55 3.92
N ALA C 200 1.60 -1.63 5.19
CA ALA C 200 2.77 -2.38 5.62
C ALA C 200 2.50 -3.88 5.32
N LEU C 201 1.26 -4.37 5.56
CA LEU C 201 0.96 -5.80 5.19
C LEU C 201 1.15 -6.07 3.69
N ARG C 202 0.76 -5.13 2.85
CA ARG C 202 0.93 -5.29 1.43
C ARG C 202 2.42 -5.32 1.08
N SER C 203 3.24 -4.44 1.66
CA SER C 203 4.72 -4.42 1.29
C SER C 203 5.37 -5.72 1.75
N ILE C 204 5.06 -6.13 2.97
CA ILE C 204 5.50 -7.41 3.46
C ILE C 204 5.03 -8.56 2.55
N GLY C 205 3.76 -8.54 2.15
CA GLY C 205 3.23 -9.58 1.29
C GLY C 205 3.92 -9.69 -0.05
N LEU C 206 4.18 -8.55 -0.69
CA LEU C 206 4.93 -8.50 -1.92
C LEU C 206 6.36 -9.03 -1.77
N LYS C 207 6.99 -8.82 -0.63
CA LYS C 207 8.34 -9.27 -0.42
C LYS C 207 8.35 -10.80 -0.22
N CYS C 208 7.32 -11.31 0.46
CA CYS C 208 7.18 -12.74 0.62
C CYS C 208 7.00 -13.42 -0.69
N LEU C 209 6.16 -12.88 -1.55
CA LEU C 209 5.92 -13.49 -2.87
C LEU C 209 7.22 -13.49 -3.73
N GLU C 210 7.92 -12.37 -3.70
CA GLU C 210 9.25 -12.21 -4.34
C GLU C 210 10.18 -13.36 -3.93
N HIS C 211 10.39 -13.55 -2.64
CA HIS C 211 11.16 -14.66 -2.16
C HIS C 211 10.69 -16.03 -2.70
N LEU C 212 9.39 -16.27 -2.70
CA LEU C 212 8.85 -17.55 -3.07
C LEU C 212 9.04 -17.91 -4.56
N PHE C 213 8.79 -16.95 -5.42
CA PHE C 213 9.02 -17.03 -6.87
C PHE C 213 10.52 -16.94 -7.16
N PHE C 214 11.24 -16.35 -6.24
CA PHE C 214 12.68 -16.45 -6.32
C PHE C 214 13.12 -17.88 -5.95
N PHE C 215 12.58 -18.50 -4.89
CA PHE C 215 12.87 -19.93 -4.56
C PHE C 215 12.43 -20.91 -5.66
N LYS C 216 11.29 -20.64 -6.28
CA LYS C 216 10.87 -21.44 -7.45
C LYS C 216 11.86 -21.27 -8.62
N LEU C 217 12.23 -20.03 -8.93
CA LEU C 217 13.17 -19.75 -10.03
C LEU C 217 14.51 -20.50 -9.92
N ILE C 218 15.03 -20.68 -8.69
CA ILE C 218 16.26 -21.49 -8.47
C ILE C 218 16.07 -22.98 -8.08
N GLY C 219 14.82 -23.47 -8.03
CA GLY C 219 14.49 -24.86 -7.65
C GLY C 219 14.75 -25.29 -6.20
N ASP C 220 14.44 -24.41 -5.25
CA ASP C 220 14.84 -24.58 -3.81
C ASP C 220 14.09 -25.68 -3.03
N THR C 221 13.05 -25.29 -2.28
CA THR C 221 12.52 -26.05 -1.12
C THR C 221 11.36 -26.97 -1.55
N PRO C 222 10.91 -27.88 -0.65
CA PRO C 222 9.64 -28.62 -0.90
C PRO C 222 8.38 -27.71 -0.80
N ILE C 223 7.75 -27.49 -1.94
CA ILE C 223 6.55 -26.68 -2.05
C ILE C 223 5.34 -27.62 -2.32
N ASP C 224 4.43 -27.65 -1.35
CA ASP C 224 3.36 -28.65 -1.26
C ASP C 224 2.25 -28.23 -2.25
N THR C 225 1.17 -29.03 -2.34
CA THR C 225 0.30 -29.01 -3.54
C THR C 225 -0.46 -27.69 -3.67
N PHE C 226 -1.18 -27.27 -2.63
CA PHE C 226 -2.07 -26.09 -2.73
C PHE C 226 -1.22 -24.83 -2.84
N LEU C 227 -0.19 -24.74 -2.01
CA LEU C 227 0.73 -23.62 -2.13
C LEU C 227 1.30 -23.52 -3.54
N MET C 228 1.64 -24.65 -4.17
CA MET C 228 2.21 -24.58 -5.54
C MET C 228 1.21 -24.03 -6.52
N GLU C 229 -0.06 -24.44 -6.34
CA GLU C 229 -1.13 -23.95 -7.18
C GLU C 229 -1.30 -22.40 -7.03
N MET C 230 -1.15 -21.86 -5.82
CA MET C 230 -1.24 -20.40 -5.66
C MET C 230 -0.09 -19.70 -6.34
N LEU C 231 1.08 -20.33 -6.45
CA LEU C 231 2.27 -19.74 -7.11
C LEU C 231 2.34 -19.92 -8.64
N GLU C 232 1.69 -20.90 -9.24
CA GLU C 232 1.61 -20.97 -10.73
C GLU C 232 0.91 -19.74 -11.36
N ALA C 233 1.15 -19.48 -12.66
CA ALA C 233 0.36 -18.46 -13.42
C ALA C 233 -0.95 -19.06 -13.96
N ARG D 2 -7.90 -24.92 -14.37
CA ARG D 2 -6.98 -23.76 -14.05
C ARG D 2 -6.35 -23.82 -12.63
N HIS D 3 -7.20 -23.72 -11.60
CA HIS D 3 -6.76 -23.69 -10.19
C HIS D 3 -7.70 -24.61 -9.41
N LYS D 4 -7.34 -25.91 -9.35
CA LYS D 4 -8.32 -26.97 -9.17
C LYS D 4 -8.68 -27.10 -7.72
N ILE D 5 -7.71 -26.99 -6.82
CA ILE D 5 -7.99 -27.15 -5.42
C ILE D 5 -8.85 -26.00 -4.97
N LEU D 6 -8.45 -24.82 -5.40
CA LEU D 6 -9.13 -23.62 -4.95
C LEU D 6 -10.56 -23.62 -5.46
N HIS D 7 -10.75 -23.92 -6.73
CA HIS D 7 -12.14 -24.12 -7.34
C HIS D 7 -12.98 -25.11 -6.59
N ARG D 8 -12.40 -26.26 -6.25
CA ARG D 8 -13.19 -27.27 -5.50
C ARG D 8 -13.60 -26.77 -4.11
N LEU D 9 -12.62 -26.20 -3.38
CA LEU D 9 -12.91 -25.78 -2.04
C LEU D 9 -14.00 -24.70 -1.98
N LEU D 10 -13.95 -23.76 -2.91
CA LEU D 10 -14.95 -22.66 -2.97
C LEU D 10 -16.36 -23.20 -3.26
N GLN D 11 -16.40 -24.24 -4.13
CA GLN D 11 -17.70 -24.96 -4.43
C GLN D 11 -18.18 -25.96 -3.41
N GLU D 12 -17.37 -26.26 -2.41
CA GLU D 12 -17.73 -27.20 -1.37
C GLU D 12 -18.63 -26.55 -0.31
N GLY D 13 -18.89 -27.24 0.81
CA GLY D 13 -19.64 -26.69 1.98
C GLY D 13 -19.16 -25.35 2.54
N SER D 14 -19.79 -24.87 3.62
CA SER D 14 -19.50 -23.54 4.22
C SER D 14 -18.36 -23.62 5.27
#